data_4O9G
#
_entry.id   4O9G
#
_cell.length_a   95.396
_cell.length_b   95.396
_cell.length_c   94.643
_cell.angle_alpha   90.00
_cell.angle_beta   90.00
_cell.angle_gamma   90.00
#
_symmetry.space_group_name_H-M   'P 4 21 2'
#
loop_
_entity.id
_entity.type
_entity.pdbx_description
1 polymer QdtA
2 non-polymer dTDP-4-keto-6-deoxyglucose
3 non-polymer 1,2-ETHANEDIOL
4 non-polymer (2S)-1-[3-[(2S)-2-oxidanylpropoxy]-2-[[(2S)-2-oxidanylpropoxy]methyl]-2-[[(2R)-2-oxidanylpropoxy]methyl]propoxy]propan-2-ol
5 water water
#
_entity_poly.entity_id   1
_entity_poly.type   'polypeptide(L)'
_entity_poly.pdbx_seq_one_letter_code
;MLYNVALIKFKDIADKYGHLTPIEGKIDIPFDIKRVYYITKVDKDITRGYNSHKKLHQVLICLNGSVKIRLKIPDEEKII
ELNDPSVGLYIGPLVWREMFDFTEGCVLLVLASEYYDETDYIRNYDFYIDEAKKRFLEHHHHHH
;
_entity_poly.pdbx_strand_id   A,B
#
loop_
_chem_comp.id
_chem_comp.type
_chem_comp.name
_chem_comp.formula
4TD non-polymer (2S)-1-[3-[(2S)-2-oxidanylpropoxy]-2-[[(2S)-2-oxidanylpropoxy]methyl]-2-[[(2R)-2-oxidanylpropoxy]methyl]propoxy]propan-2-ol 'C17 H36 O8'
EDO non-polymer 1,2-ETHANEDIOL 'C2 H6 O2'
T46 non-polymer dTDP-4-keto-6-deoxyglucose 'C16 H24 N2 O15 P2'
#
# COMPACT_ATOMS: atom_id res chain seq x y z
N MET A 1 2.59 -3.10 -30.29
CA MET A 1 3.16 -2.53 -29.03
C MET A 1 2.09 -2.31 -27.94
N LEU A 2 2.53 -1.98 -26.73
CA LEU A 2 1.79 -2.36 -25.55
C LEU A 2 0.85 -1.27 -25.05
N TYR A 3 -0.38 -1.34 -25.54
CA TYR A 3 -1.48 -0.53 -25.06
C TYR A 3 -1.86 -0.79 -23.62
N ASN A 4 -2.42 0.25 -22.99
CA ASN A 4 -3.11 0.16 -21.70
C ASN A 4 -2.17 -0.08 -20.55
N VAL A 5 -0.93 0.38 -20.71
CA VAL A 5 0.11 0.20 -19.72
C VAL A 5 0.99 1.45 -19.66
N ALA A 6 1.38 1.84 -18.45
CA ALA A 6 2.31 2.95 -18.30
C ALA A 6 3.11 2.74 -17.05
N LEU A 7 4.27 3.39 -17.01
CA LEU A 7 5.02 3.51 -15.80
C LEU A 7 4.76 4.88 -15.25
N ILE A 8 4.31 4.96 -14.00
CA ILE A 8 4.02 6.21 -13.35
C ILE A 8 5.12 6.56 -12.35
N LYS A 9 5.57 7.81 -12.35
CA LYS A 9 6.61 8.21 -11.38
C LYS A 9 6.06 8.94 -10.16
N PHE A 10 6.36 8.43 -8.97
CA PHE A 10 5.87 9.03 -7.74
C PHE A 10 6.98 9.86 -7.10
N LYS A 11 6.58 10.79 -6.25
CA LYS A 11 7.53 11.51 -5.41
C LYS A 11 8.24 10.51 -4.54
N ASP A 12 9.55 10.71 -4.41
CA ASP A 12 10.36 9.95 -3.49
C ASP A 12 11.01 10.98 -2.57
N ILE A 13 10.42 11.15 -1.39
CA ILE A 13 10.85 12.17 -0.46
C ILE A 13 11.87 11.52 0.49
N ALA A 14 13.14 11.86 0.29
CA ALA A 14 14.29 11.08 0.77
C ALA A 14 15.30 12.01 1.46
N ASP A 15 15.71 11.65 2.66
CA ASP A 15 16.72 12.41 3.40
C ASP A 15 17.34 11.44 4.41
N LYS A 16 17.94 11.95 5.47
CA LYS A 16 18.65 11.07 6.41
C LYS A 16 17.70 10.17 7.19
N TYR A 17 16.42 10.55 7.24
CA TYR A 17 15.39 9.78 7.95
C TYR A 17 14.79 8.64 7.15
N GLY A 18 15.15 8.52 5.87
CA GLY A 18 14.64 7.43 5.04
C GLY A 18 13.94 7.96 3.81
N HIS A 19 13.09 7.10 3.24
CA HIS A 19 12.34 7.41 2.01
C HIS A 19 10.86 7.31 2.29
N LEU A 20 10.09 8.24 1.74
CA LEU A 20 8.64 8.16 1.81
C LEU A 20 8.07 8.52 0.46
N THR A 21 7.17 7.68 -0.03
CA THR A 21 6.41 8.02 -1.22
C THR A 21 4.92 8.08 -0.95
N PRO A 22 4.28 9.22 -1.27
CA PRO A 22 2.83 9.35 -1.22
C PRO A 22 2.15 9.10 -2.55
N ILE A 23 0.93 8.61 -2.48
CA ILE A 23 0.11 8.46 -3.67
C ILE A 23 -1.28 8.84 -3.28
N GLU A 24 -1.74 9.97 -3.81
CA GLU A 24 -3.08 10.47 -3.59
C GLU A 24 -4.00 10.12 -4.78
N GLY A 25 -5.14 9.51 -4.46
CA GLY A 25 -6.13 9.14 -5.47
C GLY A 25 -6.47 10.33 -6.34
N LYS A 26 -6.44 10.09 -7.65
CA LYS A 26 -6.83 11.05 -8.70
C LYS A 26 -5.79 12.10 -8.96
N ILE A 27 -4.76 12.14 -8.13
CA ILE A 27 -3.73 13.12 -8.29
C ILE A 27 -2.51 12.43 -8.85
N ASP A 28 -1.95 11.54 -8.05
CA ASP A 28 -0.76 10.76 -8.44
C ASP A 28 -1.03 9.58 -9.34
N ILE A 29 -2.26 9.09 -9.25
CA ILE A 29 -2.79 8.13 -10.17
C ILE A 29 -4.14 8.63 -10.63
N PRO A 30 -4.60 8.17 -11.80
CA PRO A 30 -5.77 8.73 -12.43
C PRO A 30 -7.11 8.30 -11.83
N PHE A 31 -7.11 7.34 -10.91
CA PHE A 31 -8.37 6.90 -10.32
C PHE A 31 -8.39 7.00 -8.81
N ASP A 32 -9.58 6.85 -8.26
CA ASP A 32 -9.79 6.79 -6.82
C ASP A 32 -9.43 5.40 -6.36
N ILE A 33 -8.85 5.33 -5.17
CA ILE A 33 -8.42 4.07 -4.62
C ILE A 33 -9.56 3.50 -3.82
N LYS A 34 -10.24 2.50 -4.36
CA LYS A 34 -11.33 1.80 -3.67
C LYS A 34 -10.82 0.60 -2.86
N ARG A 35 -9.67 0.09 -3.26
CA ARG A 35 -9.13 -1.14 -2.74
C ARG A 35 -7.63 -1.23 -2.96
N VAL A 36 -6.89 -1.70 -1.96
CA VAL A 36 -5.53 -2.11 -2.15
C VAL A 36 -5.38 -3.57 -1.84
N TYR A 37 -4.31 -4.17 -2.37
CA TYR A 37 -3.88 -5.45 -1.88
C TYR A 37 -2.38 -5.55 -2.02
N TYR A 38 -1.78 -6.48 -1.29
CA TYR A 38 -0.36 -6.70 -1.39
C TYR A 38 -0.02 -8.17 -1.29
N ILE A 39 1.08 -8.54 -1.93
CA ILE A 39 1.45 -9.92 -2.09
C ILE A 39 2.85 -10.02 -1.50
N THR A 40 3.05 -11.04 -0.67
CA THR A 40 4.29 -11.23 0.08
C THR A 40 4.57 -12.72 0.23
N LYS A 41 5.83 -13.04 0.52
CA LYS A 41 6.22 -14.39 0.90
C LYS A 41 5.96 -15.37 -0.24
N VAL A 42 6.24 -14.92 -1.46
CA VAL A 42 6.11 -15.76 -2.64
C VAL A 42 7.42 -16.50 -2.89
N ASP A 43 7.35 -17.82 -3.07
CA ASP A 43 8.55 -18.63 -3.32
C ASP A 43 9.10 -18.37 -4.72
N LYS A 44 10.39 -18.63 -4.86
CA LYS A 44 11.19 -18.05 -5.93
C LYS A 44 10.79 -18.60 -7.29
N ASP A 45 10.18 -19.78 -7.32
CA ASP A 45 9.83 -20.47 -8.56
C ASP A 45 8.37 -20.29 -8.93
N ILE A 46 7.69 -19.43 -8.19
CA ILE A 46 6.25 -19.29 -8.36
C ILE A 46 5.93 -18.20 -9.39
N THR A 47 4.90 -18.47 -10.19
CA THR A 47 4.28 -17.44 -11.01
C THR A 47 2.84 -17.20 -10.56
N ARG A 48 2.48 -15.93 -10.36
CA ARG A 48 1.11 -15.54 -10.05
C ARG A 48 0.49 -14.79 -11.22
N GLY A 49 -0.76 -14.34 -11.04
CA GLY A 49 -1.57 -13.80 -12.12
C GLY A 49 -2.29 -14.82 -12.99
N TYR A 50 -1.97 -14.78 -14.28
CA TYR A 50 -2.68 -15.52 -15.32
C TYR A 50 -4.10 -15.02 -15.46
N ASN A 51 -4.24 -13.72 -15.72
CA ASN A 51 -5.53 -13.11 -15.80
C ASN A 51 -5.49 -11.76 -16.44
N SER A 52 -6.68 -11.32 -16.82
CA SER A 52 -6.91 -9.96 -17.24
C SER A 52 -8.18 -9.48 -16.55
N HIS A 53 -8.67 -8.34 -16.99
CA HIS A 53 -9.85 -7.76 -16.39
C HIS A 53 -10.63 -7.09 -17.49
N LYS A 54 -11.94 -6.99 -17.30
CA LYS A 54 -12.80 -6.38 -18.28
C LYS A 54 -12.81 -4.87 -18.14
N LYS A 55 -12.88 -4.37 -16.89
CA LYS A 55 -13.08 -2.97 -16.60
C LYS A 55 -12.13 -2.38 -15.54
N LEU A 56 -11.33 -3.22 -14.88
CA LEU A 56 -10.60 -2.78 -13.72
C LEU A 56 -9.35 -2.02 -14.14
N HIS A 57 -9.03 -0.93 -13.44
CA HIS A 57 -7.71 -0.31 -13.57
C HIS A 57 -6.90 -0.53 -12.31
N GLN A 58 -5.60 -0.80 -12.49
CA GLN A 58 -4.73 -0.99 -11.34
C GLN A 58 -3.33 -0.42 -11.56
N VAL A 59 -2.67 -0.14 -10.46
CA VAL A 59 -1.27 0.28 -10.45
C VAL A 59 -0.53 -0.68 -9.53
N LEU A 60 0.48 -1.36 -10.09
CA LEU A 60 1.36 -2.24 -9.33
C LEU A 60 2.65 -1.56 -8.96
N ILE A 61 3.04 -1.73 -7.71
CA ILE A 61 4.25 -1.15 -7.17
C ILE A 61 5.02 -2.17 -6.30
N CYS A 62 6.30 -2.38 -6.61
CA CYS A 62 7.18 -3.23 -5.79
C CYS A 62 7.87 -2.38 -4.76
N LEU A 63 7.56 -2.63 -3.50
CA LEU A 63 7.97 -1.74 -2.42
C LEU A 63 9.25 -2.23 -1.74
N ASN A 64 9.63 -3.47 -2.02
CA ASN A 64 10.88 -4.02 -1.53
C ASN A 64 11.29 -5.14 -2.43
N GLY A 65 12.59 -5.27 -2.65
CA GLY A 65 13.08 -6.29 -3.53
C GLY A 65 12.65 -6.03 -4.95
N SER A 66 12.33 -7.10 -5.65
CA SER A 66 12.13 -7.03 -7.07
C SER A 66 11.19 -8.12 -7.50
N VAL A 67 10.45 -7.84 -8.56
CA VAL A 67 9.56 -8.81 -9.17
C VAL A 67 9.37 -8.47 -10.65
N LYS A 68 9.15 -9.49 -11.47
CA LYS A 68 8.97 -9.29 -12.90
C LYS A 68 7.50 -9.45 -13.27
N ILE A 69 6.99 -8.53 -14.09
CA ILE A 69 5.61 -8.58 -14.54
C ILE A 69 5.65 -8.87 -16.02
N ARG A 70 5.09 -10.01 -16.43
CA ARG A 70 4.91 -10.32 -17.85
C ARG A 70 3.58 -9.75 -18.36
N LEU A 71 3.66 -8.85 -19.35
CA LEU A 71 2.48 -8.24 -19.88
C LEU A 71 2.23 -8.71 -21.31
N LYS A 72 0.99 -9.14 -21.57
CA LYS A 72 0.61 -9.73 -22.86
C LYS A 72 -0.69 -9.11 -23.33
N ILE A 73 -0.69 -8.66 -24.58
CA ILE A 73 -1.92 -8.53 -25.37
C ILE A 73 -1.63 -9.30 -26.65
N PRO A 74 -2.64 -9.46 -27.52
CA PRO A 74 -2.41 -10.21 -28.76
C PRO A 74 -1.22 -9.72 -29.57
N ASP A 75 -0.26 -10.62 -29.79
CA ASP A 75 0.95 -10.37 -30.59
C ASP A 75 1.92 -9.39 -29.98
N GLU A 76 1.93 -9.29 -28.65
CA GLU A 76 2.94 -8.47 -28.01
C GLU A 76 3.11 -8.89 -26.58
N GLU A 77 4.36 -8.96 -26.15
CA GLU A 77 4.69 -9.31 -24.79
C GLU A 77 5.83 -8.46 -24.28
N LYS A 78 5.74 -7.98 -23.04
CA LYS A 78 6.83 -7.24 -22.42
C LYS A 78 7.02 -7.75 -21.03
N ILE A 79 8.28 -7.83 -20.63
CA ILE A 79 8.56 -8.05 -19.24
C ILE A 79 9.05 -6.75 -18.64
N ILE A 80 8.51 -6.42 -17.47
CA ILE A 80 8.94 -5.24 -16.76
C ILE A 80 9.36 -5.68 -15.37
N GLU A 81 10.58 -5.34 -14.98
CA GLU A 81 11.00 -5.64 -13.63
C GLU A 81 10.67 -4.44 -12.75
N LEU A 82 9.96 -4.68 -11.66
CA LEU A 82 9.67 -3.62 -10.70
C LEU A 82 10.58 -3.78 -9.51
N ASN A 83 11.37 -2.74 -9.25
CA ASN A 83 12.33 -2.76 -8.17
C ASN A 83 12.60 -1.39 -7.56
N ASP A 84 11.71 -0.42 -7.79
CA ASP A 84 11.85 0.92 -7.28
C ASP A 84 10.49 1.39 -6.70
N PRO A 85 10.43 1.63 -5.38
CA PRO A 85 9.14 1.95 -4.78
C PRO A 85 8.49 3.23 -5.33
N SER A 86 9.28 4.06 -6.03
CA SER A 86 8.79 5.34 -6.54
C SER A 86 8.22 5.24 -7.95
N VAL A 87 8.07 4.01 -8.44
CA VAL A 87 7.56 3.78 -9.78
C VAL A 87 6.38 2.80 -9.74
N GLY A 88 5.26 3.22 -10.31
CA GLY A 88 4.12 2.33 -10.41
C GLY A 88 3.87 1.88 -11.83
N LEU A 89 3.36 0.66 -11.97
CA LEU A 89 3.02 0.14 -13.28
C LEU A 89 1.51 0.07 -13.41
N TYR A 90 0.96 0.96 -14.24
CA TYR A 90 -0.47 1.06 -14.49
C TYR A 90 -0.82 0.05 -15.53
N ILE A 91 -1.83 -0.74 -15.23
CA ILE A 91 -2.33 -1.72 -16.16
C ILE A 91 -3.84 -1.58 -16.20
N GLY A 92 -4.35 -1.24 -17.39
CA GLY A 92 -5.76 -1.04 -17.57
C GLY A 92 -6.42 -2.33 -18.03
N PRO A 93 -7.68 -2.24 -18.45
CA PRO A 93 -8.48 -3.36 -18.92
C PRO A 93 -7.82 -4.12 -20.08
N LEU A 94 -8.05 -5.43 -20.13
CA LEU A 94 -7.77 -6.24 -21.30
C LEU A 94 -6.29 -6.47 -21.60
N VAL A 95 -5.47 -6.27 -20.58
CA VAL A 95 -4.10 -6.70 -20.60
C VAL A 95 -4.00 -7.93 -19.71
N TRP A 96 -3.36 -8.95 -20.25
CA TRP A 96 -3.11 -10.19 -19.53
C TRP A 96 -1.83 -10.01 -18.77
N ARG A 97 -1.80 -10.44 -17.51
CA ARG A 97 -0.57 -10.31 -16.73
C ARG A 97 -0.22 -11.51 -15.85
N GLU A 98 1.09 -11.65 -15.67
CA GLU A 98 1.71 -12.69 -14.84
C GLU A 98 2.86 -12.05 -14.09
N MET A 99 3.06 -12.50 -12.84
CA MET A 99 4.11 -11.96 -12.00
C MET A 99 5.02 -13.10 -11.58
N PHE A 100 6.33 -12.90 -11.61
CA PHE A 100 7.26 -13.98 -11.31
C PHE A 100 8.59 -13.40 -10.91
N ASP A 101 9.52 -14.29 -10.55
CA ASP A 101 10.80 -13.87 -9.97
C ASP A 101 10.66 -12.91 -8.80
N PHE A 102 9.75 -13.22 -7.89
CA PHE A 102 9.65 -12.49 -6.63
C PHE A 102 10.93 -12.73 -5.83
N THR A 103 11.66 -11.68 -5.48
CA THR A 103 12.83 -11.86 -4.63
C THR A 103 12.46 -12.13 -3.18
N GLU A 104 13.46 -12.44 -2.39
CA GLU A 104 13.24 -12.67 -0.98
C GLU A 104 12.88 -11.31 -0.39
N GLY A 105 11.88 -11.30 0.48
CA GLY A 105 11.43 -10.05 1.10
C GLY A 105 10.59 -9.18 0.17
N CYS A 106 10.25 -9.69 -1.02
CA CYS A 106 9.51 -8.89 -2.01
C CYS A 106 8.13 -8.50 -1.53
N VAL A 107 7.76 -7.24 -1.78
CA VAL A 107 6.43 -6.73 -1.45
C VAL A 107 5.85 -6.11 -2.71
N LEU A 108 4.74 -6.65 -3.18
CA LEU A 108 4.07 -6.10 -4.33
C LEU A 108 2.73 -5.52 -3.91
N LEU A 109 2.62 -4.21 -4.00
CA LEU A 109 1.38 -3.49 -3.69
C LEU A 109 0.62 -3.14 -4.96
N VAL A 110 -0.68 -3.33 -4.93
CA VAL A 110 -1.55 -2.94 -6.03
C VAL A 110 -2.64 -2.02 -5.49
N LEU A 111 -2.82 -0.90 -6.18
CA LEU A 111 -3.94 -0.02 -5.96
C LEU A 111 -4.99 -0.34 -7.03
N ALA A 112 -6.24 -0.47 -6.63
CA ALA A 112 -7.30 -0.87 -7.56
C ALA A 112 -8.49 0.12 -7.60
N SER A 113 -9.06 0.32 -8.80
CA SER A 113 -10.12 1.32 -9.04
C SER A 113 -11.52 0.85 -8.60
N GLU A 114 -11.65 -0.42 -8.25
CA GLU A 114 -12.94 -0.99 -7.85
C GLU A 114 -12.73 -2.03 -6.81
N TYR A 115 -13.78 -2.27 -6.03
CA TYR A 115 -13.83 -3.38 -5.09
C TYR A 115 -13.62 -4.70 -5.82
N TYR A 116 -13.11 -5.69 -5.09
CA TYR A 116 -12.89 -7.03 -5.63
C TYR A 116 -14.19 -7.57 -6.21
N ASP A 117 -14.15 -8.00 -7.47
CA ASP A 117 -15.34 -8.53 -8.13
C ASP A 117 -14.90 -9.61 -9.11
N GLU A 118 -15.17 -10.85 -8.76
CA GLU A 118 -14.66 -11.98 -9.51
C GLU A 118 -15.24 -11.98 -10.93
N THR A 119 -16.43 -11.41 -11.14
CA THR A 119 -16.99 -11.38 -12.49
C THR A 119 -16.22 -10.48 -13.44
N ASP A 120 -15.42 -9.58 -12.90
CA ASP A 120 -14.63 -8.71 -13.74
C ASP A 120 -13.34 -9.37 -14.24
N TYR A 121 -12.91 -10.43 -13.55
CA TYR A 121 -11.72 -11.13 -13.97
C TYR A 121 -11.94 -11.87 -15.28
N ILE A 122 -10.87 -12.03 -16.04
CA ILE A 122 -10.83 -12.98 -17.13
C ILE A 122 -9.71 -13.96 -16.81
N ARG A 123 -10.06 -15.16 -16.38
CA ARG A 123 -9.06 -16.15 -16.01
C ARG A 123 -8.80 -17.20 -17.12
N ASN A 124 -9.71 -17.29 -18.08
CA ASN A 124 -9.61 -18.24 -19.19
C ASN A 124 -8.87 -17.57 -20.34
N TYR A 125 -7.70 -18.11 -20.67
CA TYR A 125 -6.83 -17.50 -21.63
C TYR A 125 -7.43 -17.46 -23.04
N ASP A 126 -8.19 -18.48 -23.44
CA ASP A 126 -8.84 -18.42 -24.76
C ASP A 126 -9.96 -17.36 -24.87
N PHE A 127 -10.78 -17.22 -23.83
CA PHE A 127 -11.74 -16.11 -23.80
CA PHE A 127 -11.75 -16.12 -23.74
C PHE A 127 -10.97 -14.79 -23.79
N TYR A 128 -9.86 -14.70 -23.04
CA TYR A 128 -9.10 -13.44 -23.05
C TYR A 128 -8.68 -13.06 -24.49
N ILE A 129 -8.04 -14.00 -25.16
CA ILE A 129 -7.63 -13.82 -26.56
C ILE A 129 -8.78 -13.42 -27.49
N ASP A 130 -9.92 -14.06 -27.39
CA ASP A 130 -11.05 -13.65 -28.22
C ASP A 130 -11.43 -12.19 -27.97
N GLU A 131 -11.58 -11.83 -26.69
CA GLU A 131 -11.94 -10.44 -26.32
C GLU A 131 -10.88 -9.45 -26.80
N ALA A 132 -9.63 -9.77 -26.51
CA ALA A 132 -8.55 -8.83 -26.72
C ALA A 132 -8.25 -8.67 -28.21
N LYS A 133 -8.50 -9.69 -29.01
CA LYS A 133 -8.27 -9.55 -30.45
C LYS A 133 -9.32 -8.62 -31.01
N LYS A 134 -10.52 -8.64 -30.44
CA LYS A 134 -11.54 -7.65 -30.82
C LYS A 134 -11.05 -6.22 -30.59
N ARG A 135 -10.52 -5.97 -29.39
CA ARG A 135 -10.09 -4.64 -29.00
C ARG A 135 -8.88 -4.17 -29.78
N PHE A 136 -7.84 -5.00 -29.84
CA PHE A 136 -6.53 -4.50 -30.25
C PHE A 136 -6.25 -4.66 -31.74
N LEU A 137 -6.75 -5.73 -32.34
CA LEU A 137 -6.55 -5.95 -33.76
C LEU A 137 -7.59 -5.18 -34.57
N GLU A 138 -7.22 -4.77 -35.78
CA GLU A 138 -8.09 -3.96 -36.62
C GLU A 138 -8.94 -4.83 -37.53
N MET B 1 -5.80 3.62 29.50
CA MET B 1 -5.97 2.93 28.19
C MET B 1 -5.76 3.86 27.01
N LEU B 2 -5.38 3.26 25.90
CA LEU B 2 -4.95 4.01 24.74
C LEU B 2 -6.12 4.25 23.82
N TYR B 3 -6.76 5.38 24.03
CA TYR B 3 -7.81 5.83 23.15
C TYR B 3 -7.32 5.99 21.72
N ASN B 4 -8.23 5.77 20.80
CA ASN B 4 -8.11 6.21 19.42
C ASN B 4 -7.14 5.33 18.64
N VAL B 5 -6.99 4.10 19.11
CA VAL B 5 -6.12 3.12 18.49
C VAL B 5 -6.70 1.72 18.53
N ALA B 6 -6.52 1.01 17.42
CA ALA B 6 -6.92 -0.38 17.29
C ALA B 6 -5.99 -1.17 16.43
N LEU B 7 -6.04 -2.47 16.61
CA LEU B 7 -5.38 -3.38 15.72
C LEU B 7 -6.46 -4.05 14.90
N ILE B 8 -6.40 -3.88 13.60
CA ILE B 8 -7.39 -4.45 12.75
C ILE B 8 -6.83 -5.67 12.06
N LYS B 9 -7.60 -6.73 11.98
CA LYS B 9 -7.16 -7.97 11.32
C LYS B 9 -7.72 -8.07 9.91
N PHE B 10 -6.84 -8.31 8.96
CA PHE B 10 -7.21 -8.38 7.56
C PHE B 10 -7.16 -9.85 7.15
N LYS B 11 -7.91 -10.19 6.11
CA LYS B 11 -7.77 -11.46 5.41
C LYS B 11 -6.33 -11.68 4.96
N ASP B 12 -5.89 -12.92 5.14
CA ASP B 12 -4.60 -13.34 4.65
C ASP B 12 -4.85 -14.60 3.86
N ILE B 13 -4.84 -14.46 2.54
CA ILE B 13 -5.12 -15.56 1.64
C ILE B 13 -3.80 -16.20 1.28
N ALA B 14 -3.50 -17.32 1.93
CA ALA B 14 -2.19 -17.96 1.83
C ALA B 14 -2.24 -19.43 1.37
N ASP B 15 -1.30 -19.81 0.51
CA ASP B 15 -1.20 -21.16 -0.03
C ASP B 15 0.18 -21.25 -0.71
N LYS B 16 0.39 -22.22 -1.59
CA LYS B 16 1.73 -22.43 -2.14
C LYS B 16 2.17 -21.28 -3.02
N TYR B 17 1.23 -20.45 -3.45
CA TYR B 17 1.58 -19.34 -4.31
C TYR B 17 2.00 -18.08 -3.55
N GLY B 18 1.86 -18.13 -2.22
CA GLY B 18 2.27 -17.01 -1.37
C GLY B 18 1.10 -16.44 -0.57
N HIS B 19 1.25 -15.19 -0.15
CA HIS B 19 0.24 -14.52 0.64
C HIS B 19 -0.26 -13.28 -0.05
N LEU B 20 -1.56 -13.06 0.09
CA LEU B 20 -2.20 -11.85 -0.44
C LEU B 20 -3.19 -11.36 0.63
N THR B 21 -3.10 -10.07 0.93
CA THR B 21 -4.07 -9.42 1.79
C THR B 21 -4.78 -8.32 1.01
N PRO B 22 -6.12 -8.38 0.94
CA PRO B 22 -6.85 -7.27 0.34
C PRO B 22 -7.40 -6.35 1.41
N ILE B 23 -7.54 -5.08 1.05
CA ILE B 23 -8.16 -4.13 1.95
C ILE B 23 -9.06 -3.21 1.15
N GLU B 24 -10.34 -3.30 1.38
CA GLU B 24 -11.32 -2.50 0.68
C GLU B 24 -11.81 -1.37 1.55
N GLY B 25 -11.73 -0.16 1.02
CA GLY B 25 -12.21 1.02 1.74
C GLY B 25 -13.62 0.89 2.25
N LYS B 26 -13.79 1.32 3.51
CA LYS B 26 -15.07 1.26 4.23
C LYS B 26 -15.51 -0.13 4.64
N ILE B 27 -14.85 -1.15 4.12
CA ILE B 27 -15.22 -2.50 4.49
C ILE B 27 -14.21 -3.05 5.47
N ASP B 28 -12.97 -3.20 5.02
CA ASP B 28 -11.94 -3.78 5.87
C ASP B 28 -11.35 -2.77 6.85
N ILE B 29 -11.42 -1.50 6.46
CA ILE B 29 -11.16 -0.39 7.34
C ILE B 29 -12.38 0.55 7.29
N PRO B 30 -12.58 1.33 8.35
CA PRO B 30 -13.77 2.12 8.46
C PRO B 30 -13.89 3.32 7.52
N PHE B 31 -12.82 3.70 6.82
CA PHE B 31 -12.89 4.91 5.99
C PHE B 31 -12.46 4.63 4.55
N ASP B 32 -12.74 5.59 3.67
CA ASP B 32 -12.32 5.56 2.27
C ASP B 32 -10.86 5.91 2.16
N ILE B 33 -10.15 5.19 1.33
CA ILE B 33 -8.71 5.45 1.10
C ILE B 33 -8.53 6.55 0.05
N LYS B 34 -8.25 7.75 0.53
CA LYS B 34 -7.94 8.86 -0.33
C LYS B 34 -6.46 8.94 -0.70
N ARG B 35 -5.63 8.33 0.12
CA ARG B 35 -4.21 8.52 0.03
C ARG B 35 -3.53 7.34 0.70
N VAL B 36 -2.46 6.86 0.08
CA VAL B 36 -1.57 5.91 0.73
C VAL B 36 -0.18 6.52 0.73
N TYR B 37 0.67 6.04 1.60
CA TYR B 37 2.08 6.33 1.44
C TYR B 37 2.84 5.22 2.09
N TYR B 38 4.11 5.10 1.73
CA TYR B 38 4.91 4.05 2.32
C TYR B 38 6.31 4.52 2.60
N ILE B 39 6.86 3.96 3.66
CA ILE B 39 8.15 4.37 4.18
C ILE B 39 9.10 3.20 4.04
N THR B 40 10.27 3.46 3.46
CA THR B 40 11.29 2.43 3.26
C THR B 40 12.70 2.94 3.48
N LYS B 41 13.64 1.98 3.55
CA LYS B 41 15.07 2.27 3.57
C LYS B 41 15.41 3.21 4.68
N VAL B 42 14.85 2.92 5.85
CA VAL B 42 15.12 3.73 7.04
C VAL B 42 16.23 3.04 7.80
N ASP B 43 17.23 3.83 8.20
CA ASP B 43 18.41 3.32 8.93
C ASP B 43 18.01 2.86 10.33
N LYS B 44 18.76 1.92 10.88
CA LYS B 44 18.39 1.26 12.14
C LYS B 44 18.24 2.25 13.31
N ASP B 45 18.98 3.34 13.28
CA ASP B 45 19.03 4.23 14.43
C ASP B 45 18.05 5.40 14.32
N ILE B 46 17.25 5.42 13.26
CA ILE B 46 16.34 6.54 13.03
C ILE B 46 15.01 6.39 13.77
N THR B 47 14.46 7.52 14.21
CA THR B 47 13.08 7.65 14.68
C THR B 47 12.30 8.64 13.81
N ARG B 48 11.22 8.16 13.19
CA ARG B 48 10.32 9.02 12.42
C ARG B 48 9.03 9.32 13.19
N GLY B 49 8.14 10.08 12.55
CA GLY B 49 6.93 10.54 13.18
C GLY B 49 7.18 11.84 13.90
N TYR B 50 7.02 11.82 15.22
CA TYR B 50 7.01 13.03 16.04
C TYR B 50 5.90 13.96 15.60
N ASN B 51 4.68 13.42 15.51
CA ASN B 51 3.52 14.21 15.25
C ASN B 51 2.22 13.57 15.70
N SER B 52 1.17 14.36 15.54
CA SER B 52 -0.20 13.93 15.62
C SER B 52 -1.01 14.63 14.54
N HIS B 53 -2.31 14.50 14.62
CA HIS B 53 -3.18 15.12 13.63
C HIS B 53 -4.45 15.54 14.29
N LYS B 54 -5.11 16.53 13.71
CA LYS B 54 -6.34 17.03 14.24
C LYS B 54 -7.54 16.18 13.85
N LYS B 55 -7.63 15.84 12.56
CA LYS B 55 -8.80 15.16 12.03
C LYS B 55 -8.50 13.93 11.19
N LEU B 56 -7.24 13.66 10.90
CA LEU B 56 -6.89 12.50 10.04
C LEU B 56 -7.06 11.16 10.74
N HIS B 57 -7.57 10.17 10.00
CA HIS B 57 -7.49 8.78 10.40
C HIS B 57 -6.55 8.02 9.50
N GLN B 58 -5.78 7.13 10.11
CA GLN B 58 -4.81 6.33 9.37
C GLN B 58 -4.78 4.94 9.90
N VAL B 59 -4.35 4.03 9.02
CA VAL B 59 -4.01 2.68 9.35
C VAL B 59 -2.59 2.39 8.89
N LEU B 60 -1.76 1.95 9.83
CA LEU B 60 -0.37 1.58 9.55
C LEU B 60 -0.19 0.09 9.46
N ILE B 61 0.64 -0.36 8.52
CA ILE B 61 0.82 -1.80 8.28
C ILE B 61 2.24 -2.07 7.85
N CYS B 62 2.92 -3.00 8.53
CA CYS B 62 4.30 -3.34 8.20
C CYS B 62 4.29 -4.54 7.28
N LEU B 63 4.73 -4.34 6.05
CA LEU B 63 4.54 -5.34 5.01
C LEU B 63 5.77 -6.24 4.85
N ASN B 64 6.87 -5.80 5.42
CA ASN B 64 8.06 -6.62 5.49
C ASN B 64 8.90 -6.15 6.65
N GLY B 65 9.59 -7.10 7.28
CA GLY B 65 10.43 -6.79 8.42
C GLY B 65 9.60 -6.38 9.61
N SER B 66 10.10 -5.42 10.36
CA SER B 66 9.46 -5.02 11.58
C SER B 66 9.79 -3.58 11.89
N VAL B 67 8.90 -2.95 12.63
CA VAL B 67 9.03 -1.56 13.06
C VAL B 67 8.20 -1.37 14.33
N LYS B 68 8.68 -0.51 15.22
CA LYS B 68 7.99 -0.24 16.47
C LYS B 68 7.31 1.11 16.40
N ILE B 69 6.08 1.16 16.88
CA ILE B 69 5.35 2.40 16.93
C ILE B 69 5.17 2.79 18.38
N ARG B 70 5.65 3.99 18.71
CA ARG B 70 5.45 4.56 20.02
C ARG B 70 4.22 5.44 19.95
N LEU B 71 3.24 5.07 20.75
CA LEU B 71 1.99 5.80 20.78
C LEU B 71 1.83 6.49 22.13
N LYS B 72 1.52 7.77 22.09
CA LYS B 72 1.42 8.55 23.30
C LYS B 72 0.16 9.38 23.25
N ILE B 73 -0.54 9.41 24.37
CA ILE B 73 -1.51 10.46 24.67
C ILE B 73 -1.20 10.94 26.08
N PRO B 74 -1.77 12.09 26.48
CA PRO B 74 -1.35 12.54 27.81
C PRO B 74 -1.49 11.43 28.87
N ASP B 75 -0.39 11.22 29.60
CA ASP B 75 -0.35 10.34 30.77
C ASP B 75 -0.28 8.88 30.36
N GLU B 76 0.06 8.62 29.10
CA GLU B 76 0.06 7.26 28.62
C GLU B 76 0.99 7.07 27.43
N GLU B 77 1.75 6.00 27.45
CA GLU B 77 2.54 5.63 26.30
C GLU B 77 2.49 4.12 26.16
N LYS B 78 2.48 3.66 24.91
CA LYS B 78 2.52 2.23 24.62
C LYS B 78 3.37 2.04 23.39
N ILE B 79 4.03 0.91 23.30
CA ILE B 79 4.81 0.61 22.13
C ILE B 79 4.26 -0.64 21.49
N ILE B 80 4.05 -0.58 20.18
CA ILE B 80 3.47 -1.68 19.44
C ILE B 80 4.44 -2.05 18.34
N GLU B 81 4.80 -3.33 18.28
CA GLU B 81 5.63 -3.77 17.19
C GLU B 81 4.78 -4.34 16.05
N LEU B 82 4.97 -3.81 14.86
CA LEU B 82 4.27 -4.33 13.68
C LEU B 82 5.26 -5.17 12.91
N ASN B 83 4.85 -6.40 12.63
CA ASN B 83 5.68 -7.39 11.95
C ASN B 83 4.83 -8.41 11.22
N ASP B 84 3.56 -8.07 10.99
CA ASP B 84 2.61 -8.95 10.31
C ASP B 84 1.81 -8.17 9.27
N PRO B 85 1.98 -8.52 7.99
CA PRO B 85 1.30 -7.75 6.99
C PRO B 85 -0.21 -7.79 7.10
N SER B 86 -0.76 -8.72 7.88
CA SER B 86 -2.20 -8.97 7.93
C SER B 86 -2.90 -8.22 9.06
N VAL B 87 -2.15 -7.30 9.71
CA VAL B 87 -2.61 -6.59 10.89
C VAL B 87 -2.34 -5.11 10.67
N GLY B 88 -3.37 -4.31 10.84
CA GLY B 88 -3.25 -2.88 10.69
C GLY B 88 -3.33 -2.24 12.05
N LEU B 89 -2.53 -1.21 12.26
CA LEU B 89 -2.66 -0.35 13.41
C LEU B 89 -3.42 0.93 13.03
N TYR B 90 -4.69 0.97 13.40
CA TYR B 90 -5.55 2.16 13.24
C TYR B 90 -5.15 3.17 14.29
N ILE B 91 -4.83 4.37 13.83
CA ILE B 91 -4.60 5.48 14.74
C ILE B 91 -5.45 6.66 14.33
N GLY B 92 -6.25 7.10 15.27
CA GLY B 92 -7.11 8.21 15.02
C GLY B 92 -6.48 9.53 15.36
N PRO B 93 -7.31 10.58 15.34
CA PRO B 93 -6.92 11.93 15.72
C PRO B 93 -6.29 12.04 17.10
N LEU B 94 -5.34 12.96 17.22
CA LEU B 94 -4.87 13.45 18.52
C LEU B 94 -4.16 12.37 19.27
N VAL B 95 -3.62 11.42 18.52
CA VAL B 95 -2.62 10.53 19.04
C VAL B 95 -1.28 10.92 18.44
N TRP B 96 -0.31 11.10 19.34
CA TRP B 96 1.10 11.31 18.98
C TRP B 96 1.75 9.98 18.63
N ARG B 97 2.55 9.96 17.58
CA ARG B 97 3.24 8.73 17.22
C ARG B 97 4.66 8.98 16.79
N GLU B 98 5.50 7.97 17.03
CA GLU B 98 6.87 7.92 16.59
C GLU B 98 7.14 6.49 16.13
N MET B 99 8.01 6.33 15.14
CA MET B 99 8.31 5.03 14.60
C MET B 99 9.83 4.81 14.65
N PHE B 100 10.25 3.65 15.15
CA PHE B 100 11.68 3.41 15.35
C PHE B 100 11.96 1.92 15.24
N ASP B 101 13.25 1.57 15.30
CA ASP B 101 13.70 0.22 15.06
C ASP B 101 13.15 -0.33 13.76
N PHE B 102 13.23 0.45 12.69
CA PHE B 102 12.95 -0.13 11.38
C PHE B 102 14.05 -1.15 11.14
N THR B 103 13.66 -2.39 10.89
CA THR B 103 14.59 -3.38 10.40
C THR B 103 14.90 -3.09 8.94
N GLU B 104 15.88 -3.79 8.37
CA GLU B 104 16.05 -3.75 6.93
C GLU B 104 15.27 -4.93 6.34
N GLY B 105 14.92 -4.90 5.05
CA GLY B 105 14.24 -3.76 4.43
C GLY B 105 12.75 -3.70 4.81
N CYS B 106 12.50 -3.18 6.00
CA CYS B 106 11.18 -2.82 6.46
C CYS B 106 10.42 -1.97 5.45
N VAL B 107 9.15 -2.33 5.25
CA VAL B 107 8.22 -1.51 4.51
C VAL B 107 7.07 -1.13 5.43
N LEU B 108 6.85 0.17 5.60
CA LEU B 108 5.70 0.62 6.37
C LEU B 108 4.71 1.30 5.44
N LEU B 109 3.53 0.73 5.31
CA LEU B 109 2.47 1.26 4.44
C LEU B 109 1.45 1.96 5.29
N VAL B 110 0.99 3.10 4.81
CA VAL B 110 -0.05 3.82 5.52
C VAL B 110 -1.25 4.10 4.62
N LEU B 111 -2.43 3.78 5.13
CA LEU B 111 -3.66 4.20 4.49
C LEU B 111 -4.25 5.36 5.26
N ALA B 112 -4.56 6.42 4.52
CA ALA B 112 -5.00 7.67 5.13
C ALA B 112 -6.39 8.10 4.64
N SER B 113 -7.16 8.69 5.55
CA SER B 113 -8.54 9.11 5.26
C SER B 113 -8.68 10.43 4.55
N GLU B 114 -7.60 11.19 4.42
CA GLU B 114 -7.67 12.45 3.73
C GLU B 114 -6.41 12.68 2.94
N TYR B 115 -6.53 13.49 1.92
CA TYR B 115 -5.38 13.98 1.20
C TYR B 115 -4.42 14.66 2.14
N TYR B 116 -3.17 14.78 1.72
CA TYR B 116 -2.11 15.31 2.57
C TYR B 116 -2.36 16.79 2.83
N ASP B 117 -2.31 17.20 4.09
CA ASP B 117 -2.64 18.57 4.45
C ASP B 117 -1.82 18.95 5.68
N GLU B 118 -0.82 19.79 5.45
CA GLU B 118 0.13 20.14 6.49
C GLU B 118 -0.60 20.86 7.62
N THR B 119 -1.73 21.53 7.33
CA THR B 119 -2.42 22.25 8.41
C THR B 119 -3.11 21.31 9.39
N ASP B 120 -3.26 20.05 8.99
CA ASP B 120 -3.83 19.04 9.89
C ASP B 120 -2.79 18.50 10.88
N TYR B 121 -1.52 18.64 10.55
CA TYR B 121 -0.49 18.06 11.38
C TYR B 121 -0.33 18.88 12.66
N ILE B 122 0.03 18.19 13.73
CA ILE B 122 0.57 18.83 14.91
C ILE B 122 1.97 18.28 15.09
N ARG B 123 2.96 19.15 14.86
CA ARG B 123 4.36 18.76 14.86
C ARG B 123 5.10 19.36 16.06
N ASN B 124 4.44 20.26 16.76
CA ASN B 124 4.98 20.85 17.99
C ASN B 124 4.40 20.14 19.20
N TYR B 125 5.24 19.43 19.94
CA TYR B 125 4.75 18.61 21.03
C TYR B 125 4.14 19.37 22.18
N ASP B 126 4.50 20.63 22.36
CA ASP B 126 3.84 21.46 23.36
C ASP B 126 2.40 21.77 22.98
N PHE B 127 2.19 22.14 21.72
CA PHE B 127 0.83 22.42 21.24
CA PHE B 127 0.85 22.43 21.27
C PHE B 127 0.02 21.14 21.27
N TYR B 128 0.65 20.03 20.89
CA TYR B 128 -0.01 18.72 20.98
C TYR B 128 -0.59 18.52 22.38
N ILE B 129 0.31 18.57 23.37
CA ILE B 129 -0.04 18.31 24.77
C ILE B 129 -1.20 19.19 25.21
N ASP B 130 -1.14 20.44 24.79
CA ASP B 130 -2.20 21.39 25.10
C ASP B 130 -3.58 21.00 24.55
N GLU B 131 -3.67 20.68 23.26
CA GLU B 131 -4.95 20.25 22.67
C GLU B 131 -5.39 18.90 23.25
N ALA B 132 -4.43 17.98 23.35
CA ALA B 132 -4.68 16.64 23.84
C ALA B 132 -5.19 16.65 25.28
N LYS B 133 -4.51 17.34 26.18
CA LYS B 133 -4.96 17.46 27.56
C LYS B 133 -6.45 17.81 27.58
N LYS B 134 -6.83 18.78 26.76
CA LYS B 134 -8.21 19.23 26.68
C LYS B 134 -9.16 18.10 26.27
N ARG B 135 -8.67 17.17 25.45
CA ARG B 135 -9.45 16.01 24.99
C ARG B 135 -9.54 14.86 26.02
N PHE B 136 -8.39 14.46 26.56
CA PHE B 136 -8.25 13.13 27.13
C PHE B 136 -8.33 13.14 28.66
N LEU B 137 -7.90 14.23 29.27
CA LEU B 137 -7.94 14.37 30.71
C LEU B 137 -9.28 14.95 31.16
N GLU B 138 -9.62 14.70 32.43
CA GLU B 138 -10.77 15.36 33.05
C GLU B 138 -10.28 16.54 33.88
C4 T46 C . -4.02 -8.97 -10.59
C5 T46 C . -2.66 -9.40 -10.09
C6 T46 C . -1.67 -8.28 -10.33
C21 T46 C . -9.57 -11.39 -2.90
O21 T46 C . -10.35 -11.97 -2.14
N31 T46 C . -9.59 -10.05 -2.91
C41 T46 C . -8.78 -9.34 -3.72
O41 T46 C . -8.83 -8.09 -3.70
C51 T46 C . -7.88 -10.01 -4.53
C5A T46 C . -6.95 -9.24 -5.42
C61 T46 C . -7.86 -11.39 -4.49
N11 T46 C . -8.72 -12.06 -3.70
C1, T46 C . -8.65 -13.52 -3.65
C2, T46 C . -9.12 -14.25 -4.89
C3, T46 C . -8.28 -15.51 -4.79
O3, T46 C . -8.93 -16.39 -3.90
O4, T46 C . -7.26 -13.86 -3.47
C4, T46 C . -6.99 -15.12 -4.10
C5, T46 C . -5.84 -15.00 -5.08
O5, T46 C . -6.31 -14.25 -6.18
P T46 C . -5.51 -14.26 -7.55
O1P T46 C . -5.17 -15.68 -7.95
O2P T46 C . -6.31 -13.50 -8.54
OPP T46 C . -4.14 -13.51 -7.17
P2 T46 C . -2.97 -13.17 -8.19
O4P T46 C . -1.79 -12.73 -7.38
O3P T46 C . -2.79 -14.35 -9.15
O1 T46 C . -3.57 -11.91 -9.00
C1 T46 C . -3.68 -10.65 -8.31
C2 T46 C . -5.07 -10.00 -8.55
O2 T46 C . -6.02 -11.02 -8.19
C3 T46 C . -5.26 -9.60 -10.01
O3 T46 C . -6.37 -8.75 -10.22
O4 T46 C . -4.14 -8.15 -11.51
O5 T46 C . -2.62 -9.79 -8.70
C4 T46 D . 2.46 9.85 10.28
C5 T46 D . 3.57 8.84 10.25
C6 T46 D . 3.04 7.47 10.59
C21 T46 D . 3.92 14.38 1.71
O21 T46 D . 4.27 15.19 0.85
N31 T46 D . 2.77 13.69 1.52
C41 T46 D . 2.37 12.78 2.42
O41 T46 D . 1.30 12.15 2.22
C51 T46 D . 3.15 12.56 3.54
C5A T46 D . 2.75 11.54 4.58
C61 T46 D . 4.32 13.28 3.71
N11 T46 D . 4.68 14.18 2.80
C1, T46 D . 5.96 14.92 2.97
C2, T46 D . 5.89 15.95 4.08
C3, T46 D . 7.28 15.91 4.69
O3, T46 D . 8.01 16.99 4.13
O4, T46 D . 7.03 14.02 3.30
C4, T46 D . 7.89 14.58 4.29
C5, T46 D . 7.97 13.64 5.48
O5, T46 D . 6.84 13.83 6.31
P T46 D . 6.90 13.38 7.83
O1P T46 D . 8.12 13.99 8.49
O2P T46 D . 5.59 13.69 8.47
OPP T46 D . 7.16 11.81 7.70
P2 T46 D . 7.08 10.82 8.95
O4P T46 D . 7.51 9.49 8.41
O3P T46 D . 7.74 11.41 10.18
O1 T46 D . 5.51 10.75 9.36
C1 T46 D . 4.61 10.06 8.47
C2 T46 D . 3.34 10.85 8.18
O2 T46 D . 3.64 12.10 7.55
C3 T46 D . 2.54 11.09 9.45
O3 T46 D . 1.22 11.54 9.13
O4 T46 D . 1.52 9.70 11.03
O5 T46 D . 4.27 8.79 9.02
C1 EDO E . -1.59 -17.33 -8.63
O1 EDO E . -2.71 -17.63 -9.49
C2 EDO E . -1.96 -17.44 -7.15
O2 EDO E . -3.37 -17.39 -6.91
C1 4TD F . 11.82 15.95 20.78
C2 4TD F . 12.66 16.43 21.96
C4 4TD F . 12.17 18.34 23.32
C5 4TD F . 10.98 19.28 23.17
C6 4TD F . 10.43 19.24 21.75
C8 4TD F . 10.34 15.68 21.18
C10 4TD F . 8.87 15.26 23.01
C11 4TD F . 7.95 14.13 23.49
C12 4TD F . 7.79 14.12 25.01
C14 4TD F . 12.53 14.78 20.05
C16 4TD F . 14.64 13.82 19.35
C17 4TD F . 16.16 13.76 19.58
C18 4TD F . 17.00 14.06 18.33
C20 4TD F . 11.71 17.12 19.81
C22 4TD F . 11.10 17.30 17.54
C23 4TD F . 11.64 16.96 16.15
C24 4TD F . 11.58 15.46 15.95
O25 4TD F . 10.89 17.66 15.16
O21 4TD F . 11.98 16.70 18.48
O15 4TD F . 13.97 14.80 20.17
O19 4TD F . 16.53 12.47 20.07
O9 4TD F . 10.04 14.79 22.28
O13 4TD F . 8.42 12.87 23.01
O3 4TD F . 12.55 17.86 22.03
O7 4TD F . 11.37 20.61 23.44
#